data_9QA2
#
_entry.id   9QA2
#
_cell.length_a   172.894
_cell.length_b   172.894
_cell.length_c   103.623
_cell.angle_alpha   90
_cell.angle_beta   90
_cell.angle_gamma   120
#
_symmetry.space_group_name_H-M   'H 3'
#
loop_
_entity.id
_entity.type
_entity.pdbx_description
1 polymer ARG-TRP
2 polymer 'Angiotensin-converting enzyme'
3 branched beta-D-mannopyranose-(1-6)-alpha-D-mannopyranose-(1-3)-[alpha-D-mannopyranose-(1-6)]beta-D-mannopyranose-(1-4)-2-acetamido-2-deoxy-beta-D-glucopyranose-(1-4)-2-acetamido-2-deoxy-beta-D-glucopyranose
4 non-polymer 'ZINC ION'
5 non-polymer 2-acetamido-2-deoxy-beta-D-glucopyranose
6 water water
#
loop_
_entity_poly.entity_id
_entity_poly.type
_entity_poly.pdbx_seq_one_letter_code
_entity_poly.pdbx_strand_id
1 'polypeptide(L)' RW B,C
2 'polypeptide(L)'
;ALVKEEIQAKEYLENLNKELAKRTNVETEAAWAYGSNITDENEKKKNEISAELAKFMKEVASDTTKFQWRSYQSEDLKRQ
FKALTKLGYAALPEDDYAELLDTLSAMESNFAKVKVCDYKDSTKCDLALDPEIEEVISKSRDHEELAYYWREFYDKAGTA
VRSQFERYVELNTKAAKLNNFTSGAEAWLDEYEDDTFEQQLEDIFADIRPLYQQIHGYVRFRLRKHYGDAVVSETGPIPM
HLLGNMWAQQWSEIADIVSPFPEKPLVDVSAEMEKQGYTPLKMFQMGDDFFTSMNLTKLPQDFWDKSIIEKPTDGRDLVC
HASAWDFYLIDDVRIKQCTRVTQDQLFTVHHELGHIQYFLQYQHQPFVYRTGANPGFHEAVGDVLSLSVSTPKHLEKIGL
LKDYVRDDEARINQLFLTALDKIVFLPFAFTMDKYRWSLFRGEVDKANWNCAFWKLRDEYSGIEPPVVRSEKDFDAPAKY
HISADVEYLRYLVSFIIQFQFYKSACIKAGQYDPDNVELPLDNCDIYGSAAAGAAFHNMLSMGASKPWPDALEAFNGERI
MSGKAIAEYFEPLRVWLEAENIKNNVHIGWTTSNKCVS
;
A
#
# COMPACT_ATOMS: atom_id res chain seq x y z
N ARG A 1 4.32 0.93 3.21
CA ARG A 1 3.79 1.87 2.19
C ARG A 1 3.42 1.13 0.91
N TRP A 2 2.51 1.73 0.13
CA TRP A 2 2.21 1.25 -1.21
C TRP A 2 3.42 1.43 -2.15
N ARG B 1 4.42 -8.37 8.94
CA ARG B 1 4.88 -7.03 8.50
C ARG B 1 3.82 -6.41 7.58
N TRP B 2 3.64 -5.08 7.69
CA TRP B 2 2.66 -4.31 6.91
C TRP B 2 3.30 -3.11 6.14
N ALA C 1 -19.96 -36.44 23.66
CA ALA C 1 -21.02 -35.53 23.19
C ALA C 1 -20.43 -34.11 23.01
N LEU C 2 -21.22 -33.27 22.34
CA LEU C 2 -20.68 -32.08 21.67
C LEU C 2 -20.55 -30.92 22.66
N VAL C 3 -21.43 -30.87 23.66
CA VAL C 3 -21.42 -29.81 24.65
C VAL C 3 -20.10 -29.85 25.45
N LYS C 4 -19.68 -31.05 25.83
CA LYS C 4 -18.47 -31.22 26.59
C LYS C 4 -17.27 -30.92 25.69
N GLU C 5 -17.33 -31.38 24.42
CA GLU C 5 -16.23 -31.18 23.49
C GLU C 5 -16.00 -29.68 23.24
N GLU C 6 -17.08 -28.91 23.10
CA GLU C 6 -16.98 -27.50 22.79
C GLU C 6 -16.29 -26.76 23.97
N ILE C 7 -16.58 -27.22 25.20
CA ILE C 7 -15.93 -26.69 26.40
C ILE C 7 -14.42 -26.92 26.30
N GLN C 8 -14.00 -28.14 25.98
CA GLN C 8 -12.59 -28.46 25.83
C GLN C 8 -11.97 -27.74 24.63
N ALA C 9 -12.75 -27.55 23.56
CA ALA C 9 -12.25 -26.87 22.37
C ALA C 9 -11.85 -25.44 22.72
N LYS C 10 -12.67 -24.77 23.52
CA LYS C 10 -12.40 -23.40 23.92
C LYS C 10 -11.07 -23.29 24.67
N GLU C 11 -10.76 -24.31 25.49
CA GLU C 11 -9.50 -24.31 26.21
C GLU C 11 -8.35 -24.67 25.29
N TYR C 12 -8.57 -25.58 24.32
CA TYR C 12 -7.56 -25.87 23.33
C TYR C 12 -7.18 -24.58 22.58
N LEU C 13 -8.17 -23.78 22.20
CA LEU C 13 -7.93 -22.60 21.38
C LEU C 13 -7.15 -21.57 22.19
N GLU C 14 -7.53 -21.44 23.46
CA GLU C 14 -6.93 -20.43 24.30
C GLU C 14 -5.44 -20.71 24.41
N ASN C 15 -5.03 -21.97 24.55
CA ASN C 15 -3.62 -22.30 24.69
C ASN C 15 -2.91 -22.18 23.35
N LEU C 16 -3.58 -22.64 22.29
CA LEU C 16 -2.92 -22.71 21.00
C LEU C 16 -2.63 -21.29 20.49
N ASN C 17 -3.60 -20.39 20.67
CA ASN C 17 -3.42 -18.99 20.27
C ASN C 17 -2.16 -18.43 20.95
N LYS C 18 -2.03 -18.64 22.26
CA LYS C 18 -0.88 -18.09 22.99
C LYS C 18 0.40 -18.70 22.47
N GLU C 19 0.38 -19.98 22.15
CA GLU C 19 1.58 -20.61 21.62
C GLU C 19 1.92 -20.07 20.24
N LEU C 20 0.91 -19.85 19.38
CA LEU C 20 1.24 -19.34 18.05
C LEU C 20 1.81 -17.93 18.17
N ALA C 21 1.29 -17.11 19.09
CA ALA C 21 1.77 -15.74 19.25
C ALA C 21 3.25 -15.78 19.58
N LYS C 22 3.63 -16.66 20.52
CA LYS C 22 5.02 -16.74 20.92
C LYS C 22 5.92 -17.28 19.81
N ARG C 23 5.50 -18.35 19.13
CA ARG C 23 6.29 -18.87 18.02
C ARG C 23 6.36 -17.82 16.90
N THR C 24 5.29 -17.06 16.66
CA THR C 24 5.36 -16.04 15.61
C THR C 24 6.34 -14.93 16.00
N ASN C 25 6.36 -14.59 17.30
CA ASN C 25 7.32 -13.62 17.83
C ASN C 25 8.71 -13.99 17.35
N VAL C 26 9.08 -15.26 17.50
CA VAL C 26 10.44 -15.67 17.18
C VAL C 26 10.70 -15.58 15.68
N GLU C 27 9.71 -15.98 14.86
CA GLU C 27 9.89 -15.87 13.42
C GLU C 27 10.02 -14.38 13.01
N THR C 28 9.20 -13.52 13.62
CA THR C 28 9.19 -12.09 13.31
C THR C 28 10.56 -11.49 13.63
N GLU C 29 11.17 -11.84 14.78
CA GLU C 29 12.48 -11.32 15.15
C GLU C 29 13.50 -11.69 14.11
N ALA C 30 13.42 -12.92 13.58
CA ALA C 30 14.41 -13.30 12.61
C ALA C 30 14.20 -12.53 11.29
N ALA C 31 12.94 -12.30 10.92
CA ALA C 31 12.60 -11.60 9.68
C ALA C 31 13.05 -10.15 9.79
N TRP C 32 12.90 -9.60 10.99
CA TRP C 32 13.28 -8.22 11.26
C TRP C 32 14.79 -8.07 11.10
N ALA C 33 15.54 -9.05 11.64
CA ALA C 33 16.99 -9.03 11.61
C ALA C 33 17.48 -9.04 10.17
N TYR C 34 16.77 -9.79 9.32
CA TYR C 34 17.17 -9.89 7.93
C TYR C 34 16.85 -8.61 7.19
N GLY C 35 15.63 -8.11 7.42
CA GLY C 35 15.14 -6.97 6.66
C GLY C 35 15.90 -5.71 7.03
N SER C 36 16.45 -5.68 8.24
CA SER C 36 17.19 -4.50 8.67
C SER C 36 18.68 -4.67 8.39
N ASN C 37 19.09 -5.83 7.83
CA ASN C 37 20.48 -6.20 7.68
C ASN C 37 20.62 -7.45 6.80
N ILE C 38 20.61 -7.26 5.48
CA ILE C 38 20.56 -8.39 4.57
C ILE C 38 21.94 -9.04 4.50
N THR C 39 22.04 -10.30 4.96
CA THR C 39 23.23 -11.11 4.83
C THR C 39 22.80 -12.54 4.57
N ASP C 40 23.68 -13.34 3.99
CA ASP C 40 23.43 -14.77 3.77
C ASP C 40 23.09 -15.49 5.07
N GLU C 41 23.73 -15.06 6.15
CA GLU C 41 23.51 -15.72 7.42
C GLU C 41 22.14 -15.38 7.97
N ASN C 42 21.71 -14.11 7.89
CA ASN C 42 20.41 -13.72 8.41
C ASN C 42 19.30 -14.37 7.58
N GLU C 43 19.54 -14.53 6.27
CA GLU C 43 18.59 -15.15 5.35
C GLU C 43 18.33 -16.58 5.82
N LYS C 44 19.44 -17.30 6.04
CA LYS C 44 19.40 -18.68 6.47
C LYS C 44 18.63 -18.79 7.79
N LYS C 45 18.92 -17.96 8.79
CA LYS C 45 18.24 -18.06 10.06
C LYS C 45 16.74 -17.77 9.89
N LYS C 46 16.39 -16.77 9.06
CA LYS C 46 14.98 -16.41 8.89
C LYS C 46 14.17 -17.56 8.29
N ASN C 47 14.72 -18.16 7.23
CA ASN C 47 14.06 -19.20 6.46
C ASN C 47 13.99 -20.50 7.27
N GLU C 48 14.96 -20.70 8.17
CA GLU C 48 14.99 -21.88 9.01
C GLU C 48 13.89 -21.81 10.06
N ILE C 49 13.73 -20.66 10.73
CA ILE C 49 12.68 -20.59 11.73
C ILE C 49 11.31 -20.67 11.04
N SER C 50 11.15 -20.03 9.86
CA SER C 50 9.86 -20.10 9.16
C SER C 50 9.52 -21.55 8.83
N ALA C 51 10.51 -22.31 8.36
CA ALA C 51 10.32 -23.74 8.09
C ALA C 51 9.83 -24.49 9.34
N GLU C 52 10.33 -24.12 10.51
CA GLU C 52 9.94 -24.80 11.73
C GLU C 52 8.53 -24.42 12.10
N LEU C 53 8.20 -23.14 11.99
CA LEU C 53 6.85 -22.72 12.29
C LEU C 53 5.89 -23.35 11.27
N ALA C 54 6.28 -23.45 10.00
CA ALA C 54 5.41 -24.11 9.02
C ALA C 54 5.07 -25.56 9.42
N LYS C 55 6.07 -26.32 9.87
CA LYS C 55 5.87 -27.70 10.31
C LYS C 55 4.91 -27.76 11.49
N PHE C 56 5.03 -26.82 12.44
CA PHE C 56 4.08 -26.77 13.56
C PHE C 56 2.65 -26.47 13.08
N MET C 57 2.48 -25.50 12.18
CA MET C 57 1.16 -25.17 11.64
C MET C 57 0.50 -26.40 10.98
N LYS C 58 1.28 -27.19 10.27
CA LYS C 58 0.79 -28.43 9.67
C LYS C 58 0.21 -29.35 10.73
N GLU C 59 0.90 -29.52 11.88
CA GLU C 59 0.34 -30.32 12.97
C GLU C 59 -0.94 -29.68 13.50
N VAL C 60 -0.98 -28.35 13.59
CA VAL C 60 -2.16 -27.70 14.12
C VAL C 60 -3.36 -27.95 13.19
N ALA C 61 -3.16 -27.78 11.88
CA ALA C 61 -4.23 -28.00 10.92
C ALA C 61 -4.77 -29.42 11.10
N SER C 62 -3.85 -30.38 11.17
CA SER C 62 -4.22 -31.78 11.36
C SER C 62 -4.97 -31.95 12.67
N ASP C 63 -4.51 -31.35 13.76
CA ASP C 63 -5.22 -31.47 15.03
C ASP C 63 -6.61 -30.84 15.05
N THR C 64 -6.92 -29.86 14.19
CA THR C 64 -8.26 -29.30 14.22
C THR C 64 -9.30 -30.33 13.80
N THR C 65 -8.90 -31.41 13.09
CA THR C 65 -9.88 -32.39 12.62
C THR C 65 -10.36 -33.25 13.79
N LYS C 66 -9.60 -33.32 14.88
CA LYS C 66 -10.06 -34.01 16.07
C LYS C 66 -11.26 -33.32 16.70
N PHE C 67 -11.59 -32.09 16.29
CA PHE C 67 -12.72 -31.40 16.89
C PHE C 67 -13.84 -31.26 15.85
N GLN C 68 -15.07 -31.51 16.28
CA GLN C 68 -16.27 -31.35 15.45
C GLN C 68 -16.66 -29.89 15.39
N TRP C 69 -15.71 -29.03 15.01
CA TRP C 69 -15.87 -27.61 15.23
C TRP C 69 -17.00 -27.02 14.38
N ARG C 70 -17.27 -27.60 13.19
CA ARG C 70 -18.37 -27.08 12.38
C ARG C 70 -19.73 -27.40 13.02
N SER C 71 -19.76 -28.31 14.02
CA SER C 71 -20.98 -28.61 14.75
C SER C 71 -21.23 -27.73 15.98
N TYR C 72 -20.31 -26.81 16.32
CA TYR C 72 -20.42 -26.09 17.58
C TYR C 72 -21.46 -24.99 17.53
N GLN C 73 -21.89 -24.56 18.73
CA GLN C 73 -22.82 -23.48 18.93
C GLN C 73 -22.15 -22.12 18.78
N SER C 74 -20.90 -21.99 19.22
CA SER C 74 -20.28 -20.67 19.28
C SER C 74 -19.74 -20.24 17.93
N GLU C 75 -20.32 -19.17 17.39
CA GLU C 75 -19.87 -18.57 16.14
C GLU C 75 -18.39 -18.19 16.29
N ASP C 76 -18.02 -17.73 17.49
CA ASP C 76 -16.68 -17.25 17.72
C ASP C 76 -15.70 -18.39 17.68
N LEU C 77 -16.02 -19.51 18.35
CA LEU C 77 -15.13 -20.65 18.34
C LEU C 77 -14.96 -21.18 16.91
N LYS C 78 -16.07 -21.29 16.19
CA LYS C 78 -15.98 -21.78 14.81
C LYS C 78 -15.10 -20.85 13.94
N ARG C 79 -15.19 -19.54 14.14
CA ARG C 79 -14.37 -18.60 13.38
C ARG C 79 -12.88 -18.83 13.62
N GLN C 80 -12.52 -19.09 14.89
CA GLN C 80 -11.12 -19.31 15.25
C GLN C 80 -10.62 -20.61 14.62
N PHE C 81 -11.44 -21.66 14.72
CA PHE C 81 -11.06 -22.94 14.12
C PHE C 81 -10.84 -22.79 12.61
N LYS C 82 -11.76 -22.08 11.94
CA LYS C 82 -11.63 -21.87 10.51
C LYS C 82 -10.32 -21.19 10.18
N ALA C 83 -9.96 -20.15 10.97
CA ALA C 83 -8.70 -19.46 10.76
C ALA C 83 -7.50 -20.39 10.91
N LEU C 84 -7.47 -21.27 11.90
CA LEU C 84 -6.37 -22.22 12.07
C LEU C 84 -6.30 -23.31 11.00
N THR C 85 -7.39 -23.57 10.27
CA THR C 85 -7.31 -24.58 9.23
C THR C 85 -6.52 -24.03 8.04
N LYS C 86 -6.43 -22.71 7.92
CA LYS C 86 -5.87 -22.09 6.72
C LYS C 86 -4.36 -21.98 6.85
N LEU C 87 -3.64 -22.84 6.14
CA LEU C 87 -2.21 -22.98 6.26
C LEU C 87 -1.44 -22.06 5.32
N GLY C 88 -2.06 -21.66 4.20
CA GLY C 88 -1.33 -20.98 3.14
C GLY C 88 -0.08 -21.75 2.70
N TYR C 89 1.05 -21.05 2.55
CA TYR C 89 2.25 -21.71 2.04
C TYR C 89 2.67 -22.89 2.92
N ALA C 90 2.27 -22.89 4.19
CA ALA C 90 2.71 -23.94 5.10
C ALA C 90 2.10 -25.28 4.71
N ALA C 91 1.14 -25.29 3.79
CA ALA C 91 0.58 -26.54 3.32
C ALA C 91 1.55 -27.28 2.42
N LEU C 92 2.59 -26.62 1.90
CA LEU C 92 3.51 -27.27 0.98
C LEU C 92 4.32 -28.37 1.67
N PRO C 93 4.76 -29.41 0.92
CA PRO C 93 5.74 -30.33 1.46
C PRO C 93 6.97 -29.57 1.91
N GLU C 94 7.60 -30.06 2.98
CA GLU C 94 8.75 -29.43 3.62
C GLU C 94 9.76 -28.92 2.61
N ASP C 95 10.13 -29.76 1.63
CA ASP C 95 11.15 -29.40 0.65
C ASP C 95 10.68 -28.25 -0.27
N ASP C 96 9.42 -28.29 -0.66
CA ASP C 96 8.89 -27.24 -1.51
C ASP C 96 8.73 -25.94 -0.74
N TYR C 97 8.32 -26.03 0.54
CA TYR C 97 8.28 -24.85 1.40
C TYR C 97 9.65 -24.17 1.43
N ALA C 98 10.72 -24.95 1.60
CA ALA C 98 12.04 -24.38 1.76
C ALA C 98 12.48 -23.72 0.46
N GLU C 99 12.14 -24.33 -0.67
CA GLU C 99 12.51 -23.78 -1.95
C GLU C 99 11.72 -22.48 -2.21
N LEU C 100 10.47 -22.42 -1.77
CA LEU C 100 9.69 -21.18 -1.92
C LEU C 100 10.35 -20.06 -1.11
N LEU C 101 10.74 -20.31 0.15
CA LEU C 101 11.35 -19.27 0.96
C LEU C 101 12.65 -18.80 0.33
N ASP C 102 13.41 -19.74 -0.25
CA ASP C 102 14.67 -19.36 -0.87
C ASP C 102 14.37 -18.49 -2.08
N THR C 103 13.34 -18.86 -2.86
CA THR C 103 12.96 -18.07 -4.03
C THR C 103 12.52 -16.66 -3.61
N LEU C 104 11.69 -16.56 -2.57
CA LEU C 104 11.22 -15.27 -2.06
C LEU C 104 12.39 -14.38 -1.64
N SER C 105 13.33 -14.95 -0.86
CA SER C 105 14.54 -14.28 -0.39
C SER C 105 15.38 -13.77 -1.56
N ALA C 106 15.58 -14.61 -2.56
CA ALA C 106 16.34 -14.20 -3.71
C ALA C 106 15.69 -12.97 -4.39
N MET C 107 14.36 -12.93 -4.49
CA MET C 107 13.72 -11.82 -5.19
C MET C 107 13.80 -10.54 -4.36
N GLU C 108 13.49 -10.64 -3.06
CA GLU C 108 13.43 -9.48 -2.21
C GLU C 108 14.82 -8.88 -2.01
N SER C 109 15.85 -9.71 -1.80
CA SER C 109 17.22 -9.21 -1.69
C SER C 109 17.76 -8.66 -3.02
N ASN C 110 17.39 -9.25 -4.17
CA ASN C 110 17.75 -8.64 -5.45
C ASN C 110 17.22 -7.21 -5.50
N PHE C 111 15.92 -7.04 -5.19
CA PHE C 111 15.31 -5.73 -5.20
C PHE C 111 16.08 -4.76 -4.31
N ALA C 112 16.28 -5.16 -3.03
CA ALA C 112 16.86 -4.27 -2.04
C ALA C 112 18.32 -3.92 -2.37
N LYS C 113 19.00 -4.75 -3.14
CA LYS C 113 20.41 -4.49 -3.40
C LYS C 113 20.67 -3.83 -4.75
N VAL C 114 19.65 -3.45 -5.51
CA VAL C 114 19.88 -2.80 -6.78
C VAL C 114 20.66 -1.51 -6.56
N LYS C 115 21.68 -1.31 -7.41
CA LYS C 115 22.39 -0.05 -7.55
C LYS C 115 22.67 0.20 -9.03
N VAL C 116 22.71 1.47 -9.42
CA VAL C 116 22.92 1.86 -10.80
C VAL C 116 24.02 2.94 -10.85
N CYS C 117 24.53 3.14 -12.06
CA CYS C 117 25.56 4.15 -12.33
C CYS C 117 24.94 5.52 -12.55
N ASP C 118 25.64 6.55 -12.05
CA ASP C 118 25.27 7.93 -12.26
C ASP C 118 25.24 8.20 -13.77
N TYR C 119 24.17 8.88 -14.21
CA TYR C 119 23.96 9.21 -15.62
C TYR C 119 25.12 10.05 -16.16
N LYS C 120 25.65 10.92 -15.29
CA LYS C 120 26.73 11.83 -15.62
C LYS C 120 28.10 11.34 -15.17
N ASP C 121 28.28 10.05 -14.82
CA ASP C 121 29.54 9.57 -14.29
C ASP C 121 29.49 8.07 -14.07
N SER C 122 29.94 7.29 -15.05
CA SER C 122 29.76 5.85 -14.98
C SER C 122 30.82 5.19 -14.09
N THR C 123 31.59 5.98 -13.35
CA THR C 123 32.50 5.44 -12.35
C THR C 123 31.78 5.37 -11.01
N LYS C 124 30.79 6.25 -10.81
CA LYS C 124 30.02 6.28 -9.59
C LYS C 124 28.81 5.35 -9.73
N CYS C 125 28.89 4.13 -9.15
CA CYS C 125 27.92 3.08 -9.39
C CYS C 125 27.25 2.57 -8.11
N ASP C 126 26.92 3.49 -7.19
CA ASP C 126 26.37 3.10 -5.91
C ASP C 126 25.05 3.83 -5.65
N LEU C 127 24.31 4.18 -6.72
CA LEU C 127 23.04 4.88 -6.55
C LEU C 127 21.97 3.82 -6.28
N ALA C 128 21.33 3.90 -5.11
CA ALA C 128 20.21 3.02 -4.78
C ALA C 128 18.89 3.71 -5.14
N LEU C 129 17.83 2.92 -5.25
CA LEU C 129 16.48 3.47 -5.45
C LEU C 129 16.20 4.52 -4.39
N ASP C 130 16.33 4.12 -3.12
CA ASP C 130 16.06 5.00 -2.00
C ASP C 130 17.39 5.33 -1.34
N PRO C 131 17.87 6.60 -1.36
CA PRO C 131 17.16 7.73 -1.94
C PRO C 131 17.53 8.19 -3.37
N GLU C 132 18.66 7.77 -3.93
CA GLU C 132 19.25 8.48 -5.06
C GLU C 132 18.38 8.47 -6.34
N ILE C 133 17.92 7.31 -6.79
CA ILE C 133 17.19 7.23 -8.04
C ILE C 133 15.83 7.90 -7.86
N GLU C 134 15.20 7.68 -6.70
CA GLU C 134 13.88 8.25 -6.41
C GLU C 134 13.95 9.77 -6.46
N GLU C 135 15.07 10.34 -6.01
CA GLU C 135 15.26 11.77 -6.05
C GLU C 135 15.29 12.29 -7.49
N VAL C 136 16.05 11.61 -8.36
CA VAL C 136 16.08 11.98 -9.77
C VAL C 136 14.70 11.85 -10.41
N ILE C 137 14.05 10.69 -10.26
CA ILE C 137 12.74 10.46 -10.89
C ILE C 137 11.70 11.48 -10.43
N SER C 138 11.78 11.92 -9.18
CA SER C 138 10.79 12.87 -8.67
C SER C 138 11.14 14.32 -9.00
N LYS C 139 12.41 14.67 -9.30
CA LYS C 139 12.83 16.05 -9.40
C LYS C 139 13.28 16.43 -10.82
N SER C 140 13.97 15.55 -11.56
CA SER C 140 14.51 15.90 -12.87
C SER C 140 13.37 16.07 -13.85
N ARG C 141 13.54 17.08 -14.72
CA ARG C 141 12.67 17.31 -15.86
C ARG C 141 13.48 17.17 -17.15
N ASP C 142 14.58 16.43 -17.08
CA ASP C 142 15.36 16.04 -18.24
C ASP C 142 14.87 14.66 -18.66
N HIS C 143 14.12 14.63 -19.77
CA HIS C 143 13.45 13.42 -20.20
C HIS C 143 14.43 12.30 -20.52
N GLU C 144 15.64 12.63 -21.00
CA GLU C 144 16.62 11.58 -21.30
C GLU C 144 17.27 11.01 -20.03
N GLU C 145 17.50 11.87 -19.04
CA GLU C 145 18.01 11.44 -17.76
C GLU C 145 17.01 10.48 -17.09
N LEU C 146 15.73 10.91 -17.09
CA LEU C 146 14.63 10.10 -16.58
C LEU C 146 14.58 8.74 -17.26
N ALA C 147 14.69 8.69 -18.60
CA ALA C 147 14.58 7.43 -19.31
C ALA C 147 15.74 6.51 -18.96
N TYR C 148 16.91 7.13 -18.72
CA TYR C 148 18.11 6.38 -18.38
C TYR C 148 17.87 5.65 -17.05
N TYR C 149 17.41 6.37 -16.03
CA TYR C 149 17.25 5.77 -14.71
C TYR C 149 16.15 4.71 -14.76
N TRP C 150 15.12 4.97 -15.54
CA TRP C 150 14.03 4.01 -15.73
C TRP C 150 14.58 2.68 -16.25
N ARG C 151 15.32 2.74 -17.35
CA ARG C 151 15.81 1.53 -17.96
C ARG C 151 16.79 0.81 -17.02
N GLU C 152 17.67 1.55 -16.34
CA GLU C 152 18.68 0.89 -15.50
C GLU C 152 17.98 0.13 -14.38
N PHE C 153 17.00 0.79 -13.74
CA PHE C 153 16.30 0.24 -12.59
C PHE C 153 15.47 -0.98 -13.01
N TYR C 154 14.70 -0.87 -14.11
CA TYR C 154 13.82 -1.97 -14.49
C TYR C 154 14.63 -3.19 -14.90
N ASP C 155 15.72 -2.96 -15.60
CA ASP C 155 16.55 -4.07 -16.05
C ASP C 155 17.09 -4.83 -14.84
N LYS C 156 17.44 -4.14 -13.76
CA LYS C 156 18.09 -4.77 -12.61
C LYS C 156 17.10 -5.30 -11.58
N ALA C 157 16.04 -4.53 -11.31
CA ALA C 157 15.02 -4.94 -10.36
C ALA C 157 14.00 -5.92 -10.96
N GLY C 158 13.77 -5.79 -12.26
CA GLY C 158 12.77 -6.62 -12.94
C GLY C 158 13.35 -7.84 -13.64
N THR C 159 14.01 -7.61 -14.76
CA THR C 159 14.38 -8.69 -15.65
C THR C 159 15.24 -9.73 -14.94
N ALA C 160 16.09 -9.28 -14.01
CA ALA C 160 17.05 -10.16 -13.39
C ALA C 160 16.41 -11.28 -12.57
N VAL C 161 15.14 -11.17 -12.18
CA VAL C 161 14.55 -12.21 -11.35
C VAL C 161 13.43 -12.97 -12.07
N ARG C 162 13.44 -12.98 -13.40
CA ARG C 162 12.40 -13.69 -14.16
C ARG C 162 12.28 -15.14 -13.71
N SER C 163 13.42 -15.85 -13.64
CA SER C 163 13.34 -17.29 -13.48
C SER C 163 12.93 -17.60 -12.04
N GLN C 164 13.32 -16.77 -11.08
CA GLN C 164 12.84 -16.90 -9.71
C GLN C 164 11.34 -16.62 -9.64
N PHE C 165 10.86 -15.61 -10.36
CA PHE C 165 9.46 -15.25 -10.28
C PHE C 165 8.61 -16.40 -10.83
N GLU C 166 9.09 -17.02 -11.90
CA GLU C 166 8.40 -18.16 -12.49
C GLU C 166 8.29 -19.32 -11.53
N ARG C 167 9.37 -19.65 -10.83
CA ARG C 167 9.28 -20.69 -9.84
C ARG C 167 8.33 -20.30 -8.70
N TYR C 168 8.32 -19.02 -8.31
CA TYR C 168 7.39 -18.58 -7.25
C TYR C 168 5.94 -18.80 -7.68
N VAL C 169 5.59 -18.44 -8.93
CA VAL C 169 4.21 -18.62 -9.40
C VAL C 169 3.81 -20.10 -9.33
N GLU C 170 4.71 -21.00 -9.73
CA GLU C 170 4.47 -22.42 -9.64
C GLU C 170 4.22 -22.87 -8.20
N LEU C 171 5.07 -22.42 -7.27
CA LEU C 171 4.90 -22.88 -5.91
C LEU C 171 3.71 -22.20 -5.23
N ASN C 172 3.45 -20.95 -5.55
CA ASN C 172 2.28 -20.29 -5.02
C ASN C 172 1.02 -21.04 -5.45
N THR C 173 0.95 -21.41 -6.72
CA THR C 173 -0.19 -22.15 -7.26
C THR C 173 -0.34 -23.49 -6.54
N LYS C 174 0.78 -24.21 -6.40
CA LYS C 174 0.78 -25.50 -5.73
C LYS C 174 0.24 -25.38 -4.31
N ALA C 175 0.67 -24.32 -3.58
CA ALA C 175 0.22 -24.11 -2.23
C ALA C 175 -1.26 -23.82 -2.21
N ALA C 176 -1.73 -22.95 -3.12
CA ALA C 176 -3.16 -22.64 -3.12
C ALA C 176 -3.99 -23.91 -3.31
N LYS C 177 -3.57 -24.79 -4.23
CA LYS C 177 -4.33 -25.99 -4.54
C LYS C 177 -4.33 -26.96 -3.36
N LEU C 178 -3.23 -27.02 -2.62
CA LEU C 178 -3.22 -27.83 -1.39
C LEU C 178 -4.19 -27.28 -0.35
N ASN C 179 -4.56 -25.99 -0.42
CA ASN C 179 -5.58 -25.44 0.46
C ASN C 179 -6.95 -25.50 -0.22
N ASN C 180 -6.99 -26.09 -1.42
CA ASN C 180 -8.21 -26.30 -2.21
C ASN C 180 -8.80 -25.00 -2.72
N PHE C 181 -7.96 -23.98 -2.96
CA PHE C 181 -8.31 -22.82 -3.75
C PHE C 181 -7.88 -23.12 -5.18
N THR C 182 -8.53 -22.48 -6.17
CA THR C 182 -8.16 -22.70 -7.55
C THR C 182 -6.74 -22.20 -7.81
N SER C 183 -6.38 -21.09 -7.18
CA SER C 183 -5.12 -20.44 -7.44
C SER C 183 -4.79 -19.49 -6.29
N GLY C 184 -3.61 -18.90 -6.35
CA GLY C 184 -3.24 -17.88 -5.39
C GLY C 184 -4.17 -16.66 -5.40
N ALA C 185 -4.90 -16.44 -6.50
CA ALA C 185 -5.81 -15.30 -6.59
C ALA C 185 -6.97 -15.50 -5.61
N GLU C 186 -7.51 -16.71 -5.59
CA GLU C 186 -8.61 -17.05 -4.71
C GLU C 186 -8.11 -17.15 -3.26
N ALA C 187 -6.87 -17.59 -3.05
CA ALA C 187 -6.29 -17.55 -1.71
C ALA C 187 -6.18 -16.12 -1.18
N TRP C 188 -5.71 -15.15 -1.99
CA TRP C 188 -5.69 -13.76 -1.57
C TRP C 188 -7.09 -13.21 -1.33
N LEU C 189 -8.03 -13.56 -2.24
CA LEU C 189 -9.35 -12.97 -2.20
C LEU C 189 -10.09 -13.46 -0.96
N ASP C 190 -9.73 -14.63 -0.44
CA ASP C 190 -10.38 -15.22 0.70
C ASP C 190 -10.30 -14.31 1.94
N GLU C 191 -9.29 -13.43 2.01
CA GLU C 191 -9.15 -12.51 3.12
C GLU C 191 -10.26 -11.46 3.15
N TYR C 192 -11.05 -11.29 2.06
CA TYR C 192 -12.11 -10.31 2.06
C TYR C 192 -13.46 -10.93 2.42
N GLU C 193 -13.51 -12.27 2.58
CA GLU C 193 -14.68 -12.97 3.07
C GLU C 193 -15.95 -12.55 2.32
N ASP C 194 -15.88 -12.53 0.99
CA ASP C 194 -17.00 -12.00 0.22
C ASP C 194 -16.88 -12.48 -1.21
N ASP C 195 -17.80 -13.34 -1.63
CA ASP C 195 -17.60 -14.02 -2.92
C ASP C 195 -17.99 -13.13 -4.10
N THR C 196 -18.47 -11.90 -3.84
CA THR C 196 -18.70 -10.96 -4.92
C THR C 196 -17.70 -9.81 -4.87
N PHE C 197 -16.59 -9.98 -4.16
CA PHE C 197 -15.69 -8.87 -3.90
C PHE C 197 -15.08 -8.35 -5.20
N GLU C 198 -14.66 -9.24 -6.09
CA GLU C 198 -14.09 -8.76 -7.35
C GLU C 198 -15.10 -7.93 -8.16
N GLN C 199 -16.34 -8.42 -8.27
CA GLN C 199 -17.39 -7.70 -8.97
C GLN C 199 -17.60 -6.34 -8.33
N GLN C 200 -17.57 -6.27 -6.99
CA GLN C 200 -17.82 -5.01 -6.30
C GLN C 200 -16.78 -3.97 -6.62
N LEU C 201 -15.53 -4.43 -6.73
CA LEU C 201 -14.43 -3.53 -7.06
C LEU C 201 -14.53 -3.11 -8.52
N GLU C 202 -14.92 -4.03 -9.42
CA GLU C 202 -15.10 -3.61 -10.80
C GLU C 202 -16.16 -2.51 -10.88
N ASP C 203 -17.26 -2.65 -10.11
CA ASP C 203 -18.35 -1.69 -10.17
C ASP C 203 -17.87 -0.30 -9.71
N ILE C 204 -17.14 -0.29 -8.59
CA ILE C 204 -16.64 0.95 -8.04
C ILE C 204 -15.61 1.56 -8.99
N PHE C 205 -14.70 0.73 -9.50
CA PHE C 205 -13.70 1.22 -10.44
C PHE C 205 -14.40 1.84 -11.67
N ALA C 206 -15.45 1.18 -12.20
CA ALA C 206 -16.08 1.72 -13.40
C ALA C 206 -16.73 3.09 -13.13
N ASP C 207 -17.17 3.36 -11.91
CA ASP C 207 -17.82 4.63 -11.58
C ASP C 207 -16.81 5.77 -11.47
N ILE C 208 -15.56 5.49 -11.07
CA ILE C 208 -14.54 6.50 -10.89
C ILE C 208 -13.64 6.64 -12.11
N ARG C 209 -13.58 5.63 -12.98
CA ARG C 209 -12.75 5.67 -14.18
C ARG C 209 -12.95 6.93 -15.03
N PRO C 210 -14.18 7.48 -15.23
CA PRO C 210 -14.34 8.68 -16.03
C PRO C 210 -13.56 9.89 -15.50
N LEU C 211 -13.58 10.02 -14.16
CA LEU C 211 -12.80 11.09 -13.54
C LEU C 211 -11.31 10.87 -13.80
N TYR C 212 -10.86 9.61 -13.70
CA TYR C 212 -9.45 9.30 -13.97
C TYR C 212 -9.10 9.73 -15.40
N GLN C 213 -9.98 9.40 -16.34
CA GLN C 213 -9.71 9.71 -17.75
C GLN C 213 -9.55 11.22 -17.95
N GLN C 214 -10.33 12.02 -17.20
CA GLN C 214 -10.24 13.48 -17.31
C GLN C 214 -8.92 14.00 -16.76
N ILE C 215 -8.48 13.41 -15.64
CA ILE C 215 -7.22 13.83 -15.03
C ILE C 215 -6.07 13.46 -15.98
N HIS C 216 -6.08 12.21 -16.47
CA HIS C 216 -5.12 11.72 -17.44
C HIS C 216 -5.00 12.70 -18.62
N GLY C 217 -6.16 13.08 -19.20
CA GLY C 217 -6.16 13.95 -20.37
C GLY C 217 -5.56 15.32 -20.11
N TYR C 218 -5.92 15.89 -18.94
CA TYR C 218 -5.40 17.18 -18.58
C TYR C 218 -3.90 17.12 -18.32
N VAL C 219 -3.45 16.05 -17.65
CA VAL C 219 -2.02 15.94 -17.36
C VAL C 219 -1.21 15.82 -18.66
N ARG C 220 -1.68 14.98 -19.56
CA ARG C 220 -1.07 14.81 -20.89
C ARG C 220 -0.94 16.15 -21.61
N PHE C 221 -2.02 16.92 -21.62
CA PHE C 221 -2.05 18.26 -22.20
C PHE C 221 -0.95 19.15 -21.61
N ARG C 222 -0.85 19.16 -20.28
CA ARG C 222 0.13 20.00 -19.61
C ARG C 222 1.55 19.51 -19.87
N LEU C 223 1.75 18.19 -19.92
CA LEU C 223 3.08 17.66 -20.19
C LEU C 223 3.52 18.02 -21.62
N ARG C 224 2.58 18.03 -22.57
CA ARG C 224 2.90 18.48 -23.92
C ARG C 224 3.43 19.91 -23.92
N LYS C 225 2.85 20.81 -23.15
CA LYS C 225 3.32 22.19 -23.12
C LYS C 225 4.71 22.29 -22.50
N HIS C 226 5.02 21.37 -21.58
CA HIS C 226 6.30 21.42 -20.90
C HIS C 226 7.35 20.79 -21.79
N TYR C 227 7.11 19.55 -22.25
CA TYR C 227 8.18 18.81 -22.91
C TYR C 227 8.13 18.95 -24.44
N GLY C 228 6.96 19.37 -24.97
CA GLY C 228 6.73 19.43 -26.40
C GLY C 228 6.27 18.09 -26.98
N ASP C 229 5.78 18.14 -28.22
CA ASP C 229 5.07 17.05 -28.86
C ASP C 229 6.04 15.98 -29.34
N ALA C 230 7.34 16.23 -29.43
CA ALA C 230 8.23 15.15 -29.77
C ALA C 230 8.35 14.16 -28.59
N VAL C 231 8.11 14.60 -27.37
CA VAL C 231 8.27 13.76 -26.18
C VAL C 231 6.93 13.14 -25.77
N VAL C 232 5.85 13.93 -25.88
CA VAL C 232 4.50 13.50 -25.51
C VAL C 232 3.50 13.73 -26.64
N SER C 233 2.83 12.66 -27.08
CA SER C 233 1.79 12.77 -28.09
C SER C 233 0.45 13.13 -27.46
N GLU C 234 -0.42 13.76 -28.27
CA GLU C 234 -1.78 14.11 -27.89
C GLU C 234 -2.61 12.87 -27.65
N THR C 235 -2.41 11.84 -28.48
CA THR C 235 -3.40 10.79 -28.57
C THR C 235 -2.89 9.47 -27.98
N GLY C 236 -1.59 9.37 -27.64
CA GLY C 236 -1.06 8.09 -27.20
C GLY C 236 -0.99 8.00 -25.66
N PRO C 237 -0.64 6.82 -25.11
CA PRO C 237 -0.37 6.73 -23.68
C PRO C 237 0.74 7.67 -23.25
N ILE C 238 0.70 8.11 -21.98
CA ILE C 238 1.69 9.03 -21.45
C ILE C 238 2.97 8.23 -21.19
N PRO C 239 4.14 8.70 -21.66
CA PRO C 239 5.41 8.12 -21.27
C PRO C 239 5.63 8.23 -19.76
N MET C 240 5.74 7.08 -19.11
CA MET C 240 5.54 6.97 -17.67
C MET C 240 6.68 7.62 -16.86
N HIS C 241 7.86 7.78 -17.48
CA HIS C 241 9.00 8.33 -16.78
C HIS C 241 8.87 9.82 -16.52
N LEU C 242 7.86 10.48 -17.12
CA LEU C 242 7.61 11.89 -16.91
C LEU C 242 6.64 12.14 -15.78
N LEU C 243 6.19 11.09 -15.06
CA LEU C 243 5.09 11.29 -14.13
C LEU C 243 5.56 11.38 -12.67
N GLY C 244 6.87 11.47 -12.43
CA GLY C 244 7.42 11.80 -11.12
C GLY C 244 7.60 10.60 -10.18
N ASN C 245 7.41 9.37 -10.69
CA ASN C 245 7.43 8.17 -9.90
C ASN C 245 7.85 7.01 -10.80
N MET C 246 8.69 6.13 -10.23
CA MET C 246 9.29 5.04 -10.99
C MET C 246 8.22 4.10 -11.60
N TRP C 247 7.06 3.99 -10.94
CA TRP C 247 5.98 3.10 -11.36
C TRP C 247 4.74 3.87 -11.86
N ALA C 248 4.83 5.21 -11.92
CA ALA C 248 3.73 6.10 -12.28
C ALA C 248 2.50 5.86 -11.40
N GLN C 249 2.70 5.43 -10.15
CA GLN C 249 1.55 5.02 -9.32
C GLN C 249 0.82 6.25 -8.78
N GLN C 250 1.57 7.34 -8.64
CA GLN C 250 1.13 8.62 -8.16
C GLN C 250 1.95 9.70 -8.84
N TRP C 251 1.29 10.85 -9.11
CA TRP C 251 1.87 11.87 -9.97
C TRP C 251 2.08 13.20 -9.24
N SER C 252 1.96 13.22 -7.90
CA SER C 252 2.00 14.48 -7.18
C SER C 252 3.38 15.12 -7.29
N GLU C 253 4.40 14.35 -7.60
CA GLU C 253 5.73 14.96 -7.73
C GLU C 253 5.82 15.88 -8.97
N ILE C 254 4.91 15.82 -9.95
CA ILE C 254 4.97 16.80 -11.05
C ILE C 254 3.87 17.85 -10.94
N ALA C 255 3.28 18.02 -9.75
CA ALA C 255 2.22 18.99 -9.57
C ALA C 255 2.67 20.39 -9.98
N ASP C 256 3.94 20.71 -9.82
CA ASP C 256 4.35 22.07 -10.10
C ASP C 256 4.26 22.36 -11.60
N ILE C 257 4.25 21.33 -12.46
CA ILE C 257 4.16 21.60 -13.89
C ILE C 257 2.79 21.28 -14.47
N VAL C 258 1.87 20.72 -13.68
CA VAL C 258 0.55 20.44 -14.21
C VAL C 258 -0.55 21.10 -13.39
N SER C 259 -0.25 21.99 -12.44
CA SER C 259 -1.32 22.43 -11.55
C SER C 259 -2.25 23.42 -12.26
N PRO C 260 -3.56 23.29 -11.98
CA PRO C 260 -4.56 24.10 -12.59
C PRO C 260 -4.27 25.59 -12.62
N PHE C 261 -3.82 26.15 -11.50
CA PHE C 261 -3.60 27.57 -11.38
C PHE C 261 -2.18 27.86 -10.93
N PRO C 262 -1.22 27.94 -11.85
CA PRO C 262 0.18 28.07 -11.48
C PRO C 262 0.56 29.35 -10.73
N GLU C 263 -0.28 30.38 -10.88
CA GLU C 263 -0.08 31.64 -10.19
C GLU C 263 -0.56 31.57 -8.74
N LYS C 264 -1.34 30.53 -8.40
CA LYS C 264 -1.99 30.44 -7.09
C LYS C 264 -1.23 29.37 -6.31
N PRO C 265 -1.30 29.38 -4.96
CA PRO C 265 -0.46 28.49 -4.17
C PRO C 265 -0.74 26.99 -4.40
N LEU C 266 0.37 26.27 -4.36
CA LEU C 266 0.40 24.83 -4.37
C LEU C 266 1.18 24.36 -3.14
N VAL C 267 0.55 23.49 -2.35
CA VAL C 267 1.11 23.12 -1.06
C VAL C 267 2.27 22.17 -1.29
N ASP C 268 3.44 22.60 -0.85
CA ASP C 268 4.60 21.74 -0.80
C ASP C 268 5.48 22.20 0.37
N VAL C 269 5.36 21.51 1.52
CA VAL C 269 5.95 21.95 2.78
C VAL C 269 7.36 21.43 3.02
N SER C 270 7.92 20.69 2.05
CA SER C 270 9.21 20.08 2.28
C SER C 270 10.23 21.14 2.66
N ALA C 271 10.23 22.30 1.97
CA ALA C 271 11.30 23.28 2.16
C ALA C 271 11.19 23.94 3.55
N GLU C 272 9.97 24.13 4.04
CA GLU C 272 9.72 24.65 5.38
C GLU C 272 10.08 23.63 6.47
N MET C 273 9.78 22.33 6.27
CA MET C 273 10.24 21.28 7.16
C MET C 273 11.76 21.37 7.33
N GLU C 274 12.50 21.48 6.22
CA GLU C 274 13.95 21.60 6.25
C GLU C 274 14.36 22.88 6.96
N LYS C 275 13.69 23.99 6.63
CA LYS C 275 14.07 25.27 7.18
C LYS C 275 13.89 25.26 8.70
N GLN C 276 12.82 24.63 9.20
CA GLN C 276 12.55 24.59 10.64
C GLN C 276 13.23 23.42 11.34
N GLY C 277 14.20 22.74 10.73
CA GLY C 277 15.01 21.77 11.44
C GLY C 277 14.32 20.45 11.76
N TYR C 278 13.26 20.08 11.03
CA TYR C 278 12.60 18.79 11.22
C TYR C 278 13.63 17.68 11.04
N THR C 279 13.47 16.63 11.84
CA THR C 279 14.22 15.39 11.71
C THR C 279 13.19 14.24 11.61
N PRO C 280 13.65 13.03 11.24
CA PRO C 280 12.82 11.85 11.33
C PRO C 280 12.19 11.66 12.71
N LEU C 281 12.96 11.92 13.79
CA LEU C 281 12.39 11.72 15.11
C LEU C 281 11.23 12.66 15.37
N LYS C 282 11.41 13.93 14.99
CA LYS C 282 10.34 14.92 15.15
C LYS C 282 9.10 14.49 14.34
N MET C 283 9.30 14.03 13.11
CA MET C 283 8.15 13.59 12.30
C MET C 283 7.38 12.45 12.99
N PHE C 284 8.09 11.44 13.54
CA PHE C 284 7.40 10.38 14.26
C PHE C 284 6.70 10.87 15.53
N GLN C 285 7.33 11.81 16.24
CA GLN C 285 6.74 12.39 17.44
C GLN C 285 5.49 13.16 17.08
N MET C 286 5.49 13.81 15.91
CA MET C 286 4.27 14.50 15.50
C MET C 286 3.16 13.49 15.13
N GLY C 287 3.53 12.39 14.49
CA GLY C 287 2.51 11.38 14.22
C GLY C 287 1.91 10.84 15.53
N ASP C 288 2.79 10.57 16.49
CA ASP C 288 2.34 10.10 17.79
C ASP C 288 1.37 11.10 18.40
N ASP C 289 1.74 12.39 18.32
CA ASP C 289 0.90 13.47 18.81
C ASP C 289 -0.48 13.41 18.19
N PHE C 290 -0.54 13.20 16.86
CA PHE C 290 -1.83 13.15 16.18
C PHE C 290 -2.75 12.07 16.79
N PHE C 291 -2.25 10.85 16.91
CA PHE C 291 -3.04 9.78 17.49
C PHE C 291 -3.49 10.11 18.92
N THR C 292 -2.55 10.56 19.77
CA THR C 292 -2.89 10.78 21.18
C THR C 292 -3.84 11.94 21.29
N SER C 293 -3.77 12.89 20.33
CA SER C 293 -4.69 14.03 20.29
C SER C 293 -6.12 13.55 20.06
N MET C 294 -6.28 12.38 19.47
CA MET C 294 -7.61 11.84 19.19
C MET C 294 -8.07 10.90 20.30
N ASN C 295 -7.31 10.83 21.42
CA ASN C 295 -7.61 9.93 22.52
C ASN C 295 -7.33 8.47 22.12
N LEU C 296 -6.36 8.24 21.21
CA LEU C 296 -5.91 6.90 20.87
C LEU C 296 -4.59 6.66 21.59
N THR C 297 -4.01 5.47 21.40
CA THR C 297 -2.93 4.97 22.20
C THR C 297 -1.60 5.56 21.77
N LYS C 298 -0.84 6.05 22.74
CA LYS C 298 0.53 6.54 22.57
C LYS C 298 1.50 5.42 22.20
N LEU C 299 2.55 5.76 21.47
CA LEU C 299 3.54 4.74 21.17
C LEU C 299 4.24 4.28 22.45
N PRO C 300 4.46 2.97 22.62
CA PRO C 300 5.19 2.47 23.77
C PRO C 300 6.71 2.63 23.62
N GLN C 301 7.42 2.53 24.72
CA GLN C 301 8.85 2.75 24.73
C GLN C 301 9.61 1.78 23.83
N ASP C 302 9.17 0.52 23.69
CA ASP C 302 9.79 -0.38 22.74
C ASP C 302 9.84 0.18 21.33
N PHE C 303 8.78 0.87 20.92
CA PHE C 303 8.74 1.48 19.59
C PHE C 303 9.97 2.38 19.39
N TRP C 304 10.16 3.31 20.35
CA TRP C 304 11.25 4.28 20.27
C TRP C 304 12.59 3.59 20.40
N ASP C 305 12.67 2.55 21.25
CA ASP C 305 13.93 1.89 21.48
C ASP C 305 14.35 1.04 20.31
N LYS C 306 13.41 0.38 19.61
CA LYS C 306 13.82 -0.62 18.64
C LYS C 306 13.52 -0.26 17.17
N SER C 307 12.79 0.82 16.90
CA SER C 307 12.46 1.15 15.51
C SER C 307 13.72 1.66 14.82
N ILE C 308 13.73 1.55 13.50
CA ILE C 308 14.75 2.14 12.65
C ILE C 308 14.06 3.19 11.78
N ILE C 309 14.39 4.46 12.03
CA ILE C 309 13.67 5.58 11.44
C ILE C 309 14.61 6.40 10.58
N GLU C 310 15.81 5.93 10.33
CA GLU C 310 16.59 6.56 9.27
C GLU C 310 17.54 5.53 8.68
N LYS C 311 17.91 5.78 7.43
CA LYS C 311 18.70 4.81 6.69
C LYS C 311 20.02 4.68 7.44
N PRO C 312 20.46 3.46 7.83
CA PRO C 312 21.80 3.27 8.36
C PRO C 312 22.87 3.88 7.48
N THR C 313 23.94 4.39 8.11
CA THR C 313 25.08 4.97 7.42
C THR C 313 26.25 4.01 7.35
N ASP C 314 26.10 2.74 7.74
CA ASP C 314 27.25 1.84 7.87
C ASP C 314 27.47 1.00 6.60
N GLY C 315 26.85 1.36 5.47
CA GLY C 315 27.07 0.66 4.21
C GLY C 315 26.40 -0.72 4.10
N ARG C 316 25.64 -1.17 5.11
CA ARG C 316 24.99 -2.47 4.98
C ARG C 316 23.85 -2.45 3.95
N ASP C 317 23.49 -3.64 3.44
CA ASP C 317 22.28 -3.83 2.67
C ASP C 317 21.08 -4.04 3.61
N LEU C 318 19.94 -3.44 3.25
CA LEU C 318 18.69 -3.62 3.98
C LEU C 318 17.51 -3.37 3.03
N VAL C 319 16.30 -3.75 3.47
CA VAL C 319 15.09 -3.36 2.80
C VAL C 319 14.68 -1.98 3.32
N CYS C 320 14.72 -0.97 2.43
CA CYS C 320 14.32 0.38 2.80
C CYS C 320 12.83 0.62 2.61
N HIS C 321 12.11 -0.22 1.85
CA HIS C 321 10.68 -0.02 1.66
C HIS C 321 9.98 0.03 3.02
N ALA C 322 9.31 1.15 3.34
CA ALA C 322 8.77 1.42 4.67
C ALA C 322 7.76 0.36 5.09
N SER C 323 7.86 -0.08 6.36
CA SER C 323 7.00 -1.13 6.88
C SER C 323 6.84 -0.98 8.39
N ALA C 324 5.73 -1.55 8.88
CA ALA C 324 5.31 -1.58 10.27
C ALA C 324 5.24 -3.04 10.72
N TRP C 325 5.64 -3.32 11.95
CA TRP C 325 5.90 -4.68 12.41
C TRP C 325 5.26 -4.93 13.76
N ASP C 326 4.49 -6.02 13.84
CA ASP C 326 3.91 -6.47 15.09
C ASP C 326 4.73 -7.67 15.60
N PHE C 327 5.22 -7.60 16.84
CA PHE C 327 6.01 -8.70 17.40
C PHE C 327 5.16 -9.67 18.24
N TYR C 328 3.89 -9.38 18.42
CA TYR C 328 2.89 -10.35 18.95
C TYR C 328 3.10 -10.62 20.44
N LEU C 329 3.75 -9.72 21.16
CA LEU C 329 3.81 -9.79 22.61
C LEU C 329 2.88 -8.70 23.14
N ILE C 330 3.37 -7.86 24.05
CA ILE C 330 2.63 -6.69 24.48
C ILE C 330 3.54 -5.50 24.19
N ASP C 331 3.10 -4.58 23.34
CA ASP C 331 3.73 -3.29 23.18
C ASP C 331 5.07 -3.41 22.48
N ASP C 332 5.39 -4.57 21.89
CA ASP C 332 6.57 -4.60 21.04
C ASP C 332 6.14 -4.44 19.58
N VAL C 333 6.13 -3.18 19.12
CA VAL C 333 5.72 -2.79 17.79
C VAL C 333 6.75 -1.82 17.25
N ARG C 334 7.03 -1.86 15.95
CA ARG C 334 8.19 -1.15 15.41
C ARG C 334 7.94 -0.73 13.96
N ILE C 335 8.57 0.39 13.56
CA ILE C 335 8.64 0.78 12.16
C ILE C 335 10.10 0.71 11.72
N LYS C 336 10.28 0.31 10.46
CA LYS C 336 11.53 0.44 9.72
C LYS C 336 11.29 1.33 8.50
N GLN C 337 11.79 2.57 8.58
CA GLN C 337 11.57 3.55 7.51
C GLN C 337 12.88 4.30 7.29
N CYS C 338 13.32 4.39 6.05
CA CYS C 338 14.48 5.20 5.70
C CYS C 338 14.04 6.66 5.51
N THR C 339 13.66 7.31 6.62
CA THR C 339 12.88 8.53 6.61
C THR C 339 13.68 9.70 6.03
N ARG C 340 13.02 10.46 5.15
CA ARG C 340 13.57 11.71 4.65
C ARG C 340 12.61 12.83 5.03
N VAL C 341 13.11 14.05 5.05
CA VAL C 341 12.34 15.18 5.53
C VAL C 341 11.62 15.79 4.33
N THR C 342 10.44 15.23 3.96
CA THR C 342 9.64 15.76 2.87
C THR C 342 8.18 15.65 3.27
N GLN C 343 7.33 16.35 2.52
CA GLN C 343 5.89 16.30 2.67
C GLN C 343 5.42 14.87 2.50
N ASP C 344 5.84 14.22 1.42
CA ASP C 344 5.29 12.90 1.15
C ASP C 344 5.76 11.94 2.24
N GLN C 345 6.97 12.14 2.80
CA GLN C 345 7.46 11.28 3.88
C GLN C 345 6.71 11.49 5.19
N LEU C 346 6.29 12.74 5.47
CA LEU C 346 5.41 13.02 6.59
C LEU C 346 4.12 12.19 6.47
N PHE C 347 3.60 12.04 5.26
CA PHE C 347 2.41 11.24 5.05
C PHE C 347 2.70 9.75 5.28
N THR C 348 3.82 9.26 4.80
CA THR C 348 4.23 7.90 5.04
C THR C 348 4.35 7.57 6.54
N VAL C 349 4.84 8.52 7.34
CA VAL C 349 4.99 8.27 8.76
C VAL C 349 3.61 8.02 9.34
N HIS C 350 2.64 8.84 8.95
CA HIS C 350 1.28 8.65 9.45
C HIS C 350 0.71 7.32 8.97
N HIS C 351 1.02 6.92 7.72
CA HIS C 351 0.51 5.68 7.13
C HIS C 351 0.96 4.49 8.00
N GLU C 352 2.29 4.43 8.23
CA GLU C 352 2.92 3.35 8.98
C GLU C 352 2.47 3.35 10.44
N LEU C 353 2.25 4.55 11.03
CA LEU C 353 1.80 4.63 12.41
C LEU C 353 0.35 4.18 12.53
N GLY C 354 -0.41 4.25 11.43
CA GLY C 354 -1.75 3.65 11.41
C GLY C 354 -1.73 2.12 11.64
N HIS C 355 -0.74 1.45 11.03
CA HIS C 355 -0.55 0.03 11.25
C HIS C 355 -0.21 -0.20 12.74
N ILE C 356 0.68 0.64 13.28
CA ILE C 356 1.13 0.49 14.65
C ILE C 356 -0.09 0.62 15.56
N GLN C 357 -0.91 1.63 15.35
CA GLN C 357 -2.08 1.87 16.18
C GLN C 357 -3.01 0.67 16.17
N TYR C 358 -3.20 0.10 14.97
CA TYR C 358 -4.06 -1.06 14.81
C TYR C 358 -3.55 -2.21 15.69
N PHE C 359 -2.25 -2.45 15.62
CA PHE C 359 -1.62 -3.50 16.38
C PHE C 359 -1.86 -3.31 17.86
N LEU C 360 -1.82 -2.04 18.34
CA LEU C 360 -1.93 -1.77 19.74
C LEU C 360 -3.39 -1.97 20.15
N GLN C 361 -4.31 -1.60 19.25
CA GLN C 361 -5.73 -1.66 19.57
C GLN C 361 -6.22 -3.10 19.71
N TYR C 362 -5.65 -4.02 18.93
CA TYR C 362 -6.14 -5.40 18.92
C TYR C 362 -5.23 -6.37 19.68
N GLN C 363 -4.21 -5.88 20.39
CA GLN C 363 -3.22 -6.79 20.93
C GLN C 363 -3.77 -7.63 22.09
N HIS C 364 -4.93 -7.28 22.64
CA HIS C 364 -5.56 -8.11 23.67
C HIS C 364 -6.39 -9.22 23.03
N GLN C 365 -6.60 -9.21 21.71
CA GLN C 365 -7.41 -10.25 21.06
C GLN C 365 -6.65 -11.57 21.06
N PRO C 366 -7.33 -12.74 20.91
CA PRO C 366 -6.60 -13.94 20.57
C PRO C 366 -5.75 -13.78 19.31
N PHE C 367 -4.64 -14.49 19.27
CA PHE C 367 -3.66 -14.42 18.21
C PHE C 367 -4.33 -14.43 16.83
N VAL C 368 -5.28 -15.33 16.54
CA VAL C 368 -5.82 -15.41 15.17
C VAL C 368 -6.63 -14.16 14.82
N TYR C 369 -7.07 -13.37 15.80
CA TYR C 369 -7.83 -12.14 15.57
C TYR C 369 -6.91 -10.90 15.56
N ARG C 370 -5.59 -11.08 15.70
CA ARG C 370 -4.66 -9.95 15.78
C ARG C 370 -4.20 -9.59 14.37
N THR C 371 -5.13 -9.15 13.55
CA THR C 371 -4.87 -8.72 12.19
C THR C 371 -6.03 -7.82 11.84
N GLY C 372 -5.98 -7.23 10.64
CA GLY C 372 -7.00 -6.30 10.21
C GLY C 372 -8.35 -6.96 9.93
N ALA C 373 -9.42 -6.18 9.97
CA ALA C 373 -10.72 -6.74 9.62
C ALA C 373 -10.70 -7.32 8.19
N ASN C 374 -10.07 -6.57 7.29
CA ASN C 374 -9.54 -7.13 6.05
C ASN C 374 -8.25 -6.39 5.75
N PRO C 375 -7.40 -6.85 4.82
CA PRO C 375 -6.14 -6.19 4.52
C PRO C 375 -6.24 -4.70 4.14
N GLY C 376 -7.36 -4.32 3.50
CA GLY C 376 -7.62 -2.92 3.18
C GLY C 376 -7.81 -2.05 4.42
N PHE C 377 -8.45 -2.58 5.46
CA PHE C 377 -8.67 -1.80 6.67
C PHE C 377 -7.34 -1.36 7.27
N HIS C 378 -6.38 -2.27 7.25
CA HIS C 378 -5.08 -2.04 7.85
C HIS C 378 -4.38 -0.92 7.12
N GLU C 379 -4.41 -0.94 5.79
CA GLU C 379 -3.75 0.11 5.01
C GLU C 379 -4.47 1.45 5.10
N ALA C 380 -5.76 1.46 5.44
CA ALA C 380 -6.52 2.71 5.43
C ALA C 380 -6.26 3.60 6.66
N VAL C 381 -5.91 3.00 7.82
CA VAL C 381 -6.01 3.73 9.07
C VAL C 381 -5.19 5.00 9.00
N GLY C 382 -3.90 4.85 8.68
CA GLY C 382 -2.97 5.96 8.75
C GLY C 382 -3.27 6.98 7.65
N ASP C 383 -3.83 6.51 6.54
CA ASP C 383 -4.17 7.40 5.44
C ASP C 383 -5.32 8.33 5.83
N VAL C 384 -6.23 7.88 6.69
CA VAL C 384 -7.27 8.78 7.13
C VAL C 384 -6.62 9.98 7.83
N LEU C 385 -5.61 9.74 8.67
CA LEU C 385 -4.91 10.85 9.32
C LEU C 385 -4.13 11.65 8.26
N SER C 386 -3.44 11.00 7.31
CA SER C 386 -2.70 11.72 6.26
C SER C 386 -3.58 12.66 5.46
N LEU C 387 -4.84 12.28 5.22
CA LEU C 387 -5.76 13.15 4.53
C LEU C 387 -5.90 14.47 5.31
N SER C 388 -6.05 14.40 6.65
CA SER C 388 -6.15 15.57 7.51
C SER C 388 -4.85 16.35 7.49
N VAL C 389 -3.75 15.63 7.64
CA VAL C 389 -2.44 16.26 7.75
C VAL C 389 -2.18 17.09 6.50
N SER C 390 -2.62 16.61 5.34
CA SER C 390 -2.38 17.25 4.05
C SER C 390 -3.18 18.55 3.86
N THR C 391 -4.22 18.79 4.67
CA THR C 391 -5.08 19.95 4.48
C THR C 391 -4.32 21.24 4.79
N PRO C 392 -4.57 22.31 4.01
CA PRO C 392 -4.08 23.64 4.38
C PRO C 392 -4.38 23.98 5.84
N LYS C 393 -5.59 23.64 6.28
CA LYS C 393 -5.99 23.91 7.64
C LYS C 393 -5.00 23.36 8.65
N HIS C 394 -4.65 22.07 8.50
CA HIS C 394 -3.75 21.44 9.45
C HIS C 394 -2.34 22.00 9.29
N LEU C 395 -1.92 22.21 8.04
CA LEU C 395 -0.54 22.58 7.77
C LEU C 395 -0.28 24.02 8.21
N GLU C 396 -1.30 24.89 8.20
CA GLU C 396 -1.15 26.21 8.79
C GLU C 396 -1.02 26.14 10.32
N LYS C 397 -1.88 25.38 11.01
CA LYS C 397 -1.76 25.16 12.45
C LYS C 397 -0.38 24.73 12.95
N ILE C 398 0.27 23.81 12.23
CA ILE C 398 1.58 23.36 12.64
C ILE C 398 2.66 24.21 12.03
N GLY C 399 2.34 25.32 11.37
CA GLY C 399 3.37 26.28 11.01
C GLY C 399 4.18 25.89 9.77
N LEU C 400 3.69 24.94 8.95
CA LEU C 400 4.44 24.45 7.80
C LEU C 400 4.01 25.17 6.52
N LEU C 401 2.83 25.76 6.53
CA LEU C 401 2.28 26.46 5.38
C LEU C 401 2.04 27.93 5.74
N LYS C 402 2.73 28.85 5.07
CA LYS C 402 2.70 30.27 5.42
C LYS C 402 2.02 31.10 4.34
N ASP C 403 1.21 32.09 4.74
CA ASP C 403 0.66 33.12 3.86
C ASP C 403 -0.26 32.54 2.79
N TYR C 404 -1.11 31.58 3.21
CA TYR C 404 -1.94 30.83 2.31
C TYR C 404 -3.31 31.47 2.32
N VAL C 405 -3.82 31.81 1.12
CA VAL C 405 -5.18 32.26 0.95
C VAL C 405 -5.94 31.15 0.23
N ARG C 406 -7.03 30.69 0.83
CA ARG C 406 -7.77 29.56 0.32
C ARG C 406 -8.94 30.06 -0.54
N ASP C 407 -8.62 30.71 -1.66
CA ASP C 407 -9.67 31.06 -2.62
C ASP C 407 -10.02 29.84 -3.47
N ASP C 408 -10.97 30.03 -4.40
CA ASP C 408 -11.49 28.98 -5.26
C ASP C 408 -10.41 28.25 -6.06
N GLU C 409 -9.40 29.02 -6.52
CA GLU C 409 -8.35 28.52 -7.36
C GLU C 409 -7.34 27.73 -6.52
N ALA C 410 -6.99 28.21 -5.32
CA ALA C 410 -6.14 27.46 -4.43
C ALA C 410 -6.82 26.15 -4.08
N ARG C 411 -8.15 26.16 -3.89
CA ARG C 411 -8.83 24.95 -3.53
C ARG C 411 -8.75 23.91 -4.67
N ILE C 412 -8.93 24.34 -5.91
CA ILE C 412 -8.81 23.45 -7.05
C ILE C 412 -7.38 22.94 -7.13
N ASN C 413 -6.38 23.81 -6.90
CA ASN C 413 -5.01 23.31 -6.92
C ASN C 413 -4.81 22.16 -5.91
N GLN C 414 -5.43 22.31 -4.73
CA GLN C 414 -5.22 21.36 -3.63
C GLN C 414 -6.01 20.08 -3.92
N LEU C 415 -7.26 20.20 -4.40
CA LEU C 415 -8.00 19.04 -4.85
C LEU C 415 -7.25 18.27 -5.94
N PHE C 416 -6.66 18.97 -6.90
CA PHE C 416 -6.00 18.29 -7.99
C PHE C 416 -4.77 17.55 -7.47
N LEU C 417 -3.99 18.21 -6.62
CA LEU C 417 -2.83 17.65 -5.97
C LEU C 417 -3.21 16.37 -5.27
N THR C 418 -4.32 16.38 -4.51
CA THR C 418 -4.77 15.17 -3.82
C THR C 418 -5.13 14.07 -4.83
N ALA C 419 -5.82 14.45 -5.90
CA ALA C 419 -6.25 13.48 -6.92
C ALA C 419 -5.05 12.82 -7.60
N LEU C 420 -3.97 13.58 -7.78
CA LEU C 420 -2.78 13.03 -8.40
C LEU C 420 -2.21 11.87 -7.56
N ASP C 421 -2.52 11.84 -6.24
CA ASP C 421 -2.16 10.71 -5.39
C ASP C 421 -3.29 9.68 -5.26
N LYS C 422 -4.54 10.13 -5.11
CA LYS C 422 -5.61 9.24 -4.69
C LYS C 422 -6.45 8.66 -5.84
N ILE C 423 -6.70 9.42 -6.91
CA ILE C 423 -7.46 8.88 -8.03
C ILE C 423 -6.51 8.15 -9.00
N VAL C 424 -5.36 8.78 -9.32
CA VAL C 424 -4.42 8.17 -10.25
C VAL C 424 -3.99 6.76 -9.81
N PHE C 425 -3.88 6.57 -8.48
CA PHE C 425 -3.42 5.31 -7.93
C PHE C 425 -4.38 4.16 -8.13
N LEU C 426 -5.68 4.44 -8.27
CA LEU C 426 -6.66 3.37 -8.32
C LEU C 426 -6.45 2.40 -9.49
N PRO C 427 -6.36 2.83 -10.76
CA PRO C 427 -6.09 1.88 -11.83
C PRO C 427 -4.74 1.18 -11.64
N PHE C 428 -3.72 1.92 -11.12
CA PHE C 428 -2.41 1.32 -10.85
C PHE C 428 -2.53 0.11 -9.93
N ALA C 429 -3.21 0.31 -8.81
CA ALA C 429 -3.32 -0.69 -7.77
C ALA C 429 -4.12 -1.87 -8.29
N PHE C 430 -5.18 -1.61 -9.06
CA PHE C 430 -5.98 -2.70 -9.58
C PHE C 430 -5.14 -3.58 -10.52
N THR C 431 -4.26 -2.94 -11.33
CA THR C 431 -3.47 -3.71 -12.29
C THR C 431 -2.45 -4.60 -11.63
N MET C 432 -1.91 -4.21 -10.47
CA MET C 432 -0.90 -5.01 -9.80
C MET C 432 -1.45 -6.41 -9.52
N ASP C 433 -2.67 -6.48 -8.97
CA ASP C 433 -3.28 -7.76 -8.67
C ASP C 433 -3.92 -8.36 -9.91
N LYS C 434 -4.54 -7.56 -10.80
CA LYS C 434 -5.07 -8.19 -12.01
C LYS C 434 -3.97 -8.98 -12.72
N TYR C 435 -2.78 -8.37 -12.80
CA TYR C 435 -1.68 -9.05 -13.46
C TYR C 435 -1.37 -10.36 -12.76
N ARG C 436 -1.07 -10.29 -11.46
CA ARG C 436 -0.65 -11.50 -10.74
C ARG C 436 -1.75 -12.55 -10.73
N TRP C 437 -3.00 -12.12 -10.55
CA TRP C 437 -4.10 -13.06 -10.58
C TRP C 437 -4.10 -13.83 -11.92
N SER C 438 -3.82 -13.13 -13.00
CA SER C 438 -3.89 -13.73 -14.34
C SER C 438 -2.79 -14.78 -14.47
N LEU C 439 -1.60 -14.53 -13.88
CA LEU C 439 -0.53 -15.52 -13.89
C LEU C 439 -0.86 -16.70 -13.00
N PHE C 440 -1.31 -16.40 -11.78
CA PHE C 440 -1.69 -17.43 -10.81
C PHE C 440 -2.76 -18.36 -11.38
N ARG C 441 -3.77 -17.77 -12.07
CA ARG C 441 -4.88 -18.53 -12.64
C ARG C 441 -4.49 -19.28 -13.91
N GLY C 442 -3.27 -19.09 -14.43
CA GLY C 442 -2.83 -19.80 -15.61
C GLY C 442 -3.48 -19.26 -16.87
N GLU C 443 -3.87 -17.98 -16.86
CA GLU C 443 -4.56 -17.37 -17.97
C GLU C 443 -3.59 -16.79 -18.99
N VAL C 444 -2.30 -16.67 -18.70
CA VAL C 444 -1.38 -16.09 -19.63
C VAL C 444 -0.27 -17.12 -19.87
N ASP C 445 0.10 -17.37 -21.13
CA ASP C 445 1.25 -18.25 -21.39
C ASP C 445 2.55 -17.52 -21.08
N LYS C 446 3.58 -18.28 -20.67
CA LYS C 446 4.85 -17.76 -20.19
C LYS C 446 5.54 -16.94 -21.28
N ALA C 447 5.27 -17.33 -22.51
CA ALA C 447 5.72 -16.58 -23.67
C ALA C 447 5.23 -15.12 -23.68
N ASN C 448 4.10 -14.80 -23.02
CA ASN C 448 3.48 -13.48 -23.09
C ASN C 448 3.44 -12.71 -21.76
N TRP C 449 4.20 -13.15 -20.73
CA TRP C 449 4.12 -12.58 -19.39
C TRP C 449 4.49 -11.12 -19.33
N ASN C 450 5.48 -10.65 -20.10
CA ASN C 450 5.87 -9.26 -19.96
C ASN C 450 4.87 -8.36 -20.66
N CYS C 451 4.46 -8.71 -21.88
CA CYS C 451 3.56 -7.85 -22.63
C CYS C 451 2.19 -7.90 -21.96
N ALA C 452 1.85 -8.99 -21.23
CA ALA C 452 0.59 -9.00 -20.49
C ALA C 452 0.60 -7.96 -19.37
N PHE C 453 1.78 -7.64 -18.82
CA PHE C 453 1.90 -6.59 -17.81
C PHE C 453 1.66 -5.21 -18.43
N TRP C 454 2.43 -4.88 -19.47
CA TRP C 454 2.31 -3.56 -20.07
C TRP C 454 0.95 -3.35 -20.73
N LYS C 455 0.33 -4.45 -21.19
CA LYS C 455 -1.02 -4.35 -21.73
C LYS C 455 -1.98 -3.84 -20.66
N LEU C 456 -1.89 -4.40 -19.45
CA LEU C 456 -2.78 -3.95 -18.36
C LEU C 456 -2.52 -2.52 -17.99
N ARG C 457 -1.25 -2.11 -17.91
CA ARG C 457 -0.88 -0.75 -17.54
C ARG C 457 -1.42 0.26 -18.56
N ASP C 458 -1.41 -0.15 -19.85
CA ASP C 458 -1.98 0.65 -20.94
C ASP C 458 -3.49 0.76 -20.75
N GLU C 459 -4.17 -0.38 -20.75
CA GLU C 459 -5.62 -0.44 -20.77
C GLU C 459 -6.21 0.34 -19.58
N TYR C 460 -5.69 0.13 -18.36
CA TYR C 460 -6.26 0.77 -17.19
C TYR C 460 -5.68 2.14 -16.89
N SER C 461 -4.36 2.38 -17.02
CA SER C 461 -3.76 3.65 -16.62
C SER C 461 -3.38 4.55 -17.79
N GLY C 462 -3.29 4.05 -19.01
CA GLY C 462 -2.94 4.95 -20.10
C GLY C 462 -1.49 5.44 -20.03
N ILE C 463 -0.61 4.57 -19.53
CA ILE C 463 0.80 4.92 -19.45
C ILE C 463 1.56 3.82 -20.19
N GLU C 464 2.82 4.11 -20.53
CA GLU C 464 3.64 3.10 -21.19
C GLU C 464 5.10 3.38 -20.85
N PRO C 465 5.98 2.37 -21.01
CA PRO C 465 7.41 2.57 -20.86
C PRO C 465 8.02 3.64 -21.74
N PRO C 466 9.14 4.23 -21.32
CA PRO C 466 9.82 5.25 -22.12
C PRO C 466 10.57 4.69 -23.31
N VAL C 467 10.83 3.38 -23.33
CA VAL C 467 11.63 2.71 -24.37
C VAL C 467 10.85 1.45 -24.71
N VAL C 468 11.15 0.88 -25.88
CA VAL C 468 10.49 -0.33 -26.31
C VAL C 468 10.98 -1.51 -25.47
N ARG C 469 10.05 -2.29 -24.92
CA ARG C 469 10.30 -3.50 -24.17
C ARG C 469 9.79 -4.68 -25.00
N SER C 470 10.20 -5.87 -24.57
CA SER C 470 9.85 -7.08 -25.27
C SER C 470 9.80 -8.17 -24.23
N GLU C 471 9.50 -9.38 -24.70
CA GLU C 471 9.54 -10.57 -23.86
C GLU C 471 10.97 -10.94 -23.43
N LYS C 472 11.97 -10.19 -23.88
CA LYS C 472 13.28 -10.33 -23.29
C LYS C 472 13.39 -9.62 -21.94
N ASP C 473 12.51 -8.66 -21.66
CA ASP C 473 12.51 -7.95 -20.39
C ASP C 473 11.49 -8.64 -19.49
N PHE C 474 11.55 -8.36 -18.18
CA PHE C 474 10.51 -8.84 -17.29
C PHE C 474 10.34 -7.77 -16.21
N ASP C 475 9.30 -6.93 -16.37
CA ASP C 475 9.25 -5.63 -15.71
C ASP C 475 8.49 -5.63 -14.37
N ALA C 476 7.55 -6.55 -14.19
CA ALA C 476 6.65 -6.50 -13.05
C ALA C 476 7.43 -6.51 -11.73
N PRO C 477 8.51 -7.33 -11.54
CA PRO C 477 9.23 -7.36 -10.26
C PRO C 477 10.01 -6.11 -9.90
N ALA C 478 10.05 -5.13 -10.81
CA ALA C 478 10.64 -3.83 -10.52
C ALA C 478 9.82 -3.08 -9.47
N LYS C 479 8.60 -3.54 -9.19
CA LYS C 479 7.80 -2.97 -8.12
C LYS C 479 7.96 -3.83 -6.86
N TYR C 480 8.19 -3.15 -5.73
CA TYR C 480 8.60 -3.80 -4.50
C TYR C 480 7.72 -5.00 -4.18
N HIS C 481 6.44 -4.71 -4.09
CA HIS C 481 5.43 -5.64 -3.66
C HIS C 481 5.40 -6.90 -4.52
N ILE C 482 5.76 -6.76 -5.79
CA ILE C 482 5.78 -7.92 -6.67
C ILE C 482 7.00 -8.78 -6.36
N SER C 483 8.18 -8.17 -6.22
CA SER C 483 9.36 -8.91 -5.79
C SER C 483 9.18 -9.49 -4.39
N ALA C 484 8.44 -8.80 -3.52
CA ALA C 484 8.34 -9.20 -2.12
C ALA C 484 7.12 -10.05 -1.80
N ASP C 485 6.30 -10.38 -2.78
CA ASP C 485 5.12 -11.24 -2.56
C ASP C 485 4.19 -10.62 -1.51
N VAL C 486 3.84 -9.35 -1.74
CA VAL C 486 2.87 -8.66 -0.94
C VAL C 486 1.65 -8.37 -1.81
N GLU C 487 0.47 -8.90 -1.42
CA GLU C 487 -0.80 -8.65 -2.10
C GLU C 487 -1.02 -7.14 -2.18
N TYR C 488 -1.52 -6.66 -3.32
CA TYR C 488 -1.67 -5.24 -3.58
C TYR C 488 -3.12 -4.76 -3.55
N LEU C 489 -4.08 -5.67 -3.67
CA LEU C 489 -5.48 -5.27 -3.64
C LEU C 489 -5.85 -4.53 -2.34
N ARG C 490 -5.20 -4.87 -1.23
CA ARG C 490 -5.38 -4.14 0.01
C ARG C 490 -5.28 -2.61 -0.22
N TYR C 491 -4.38 -2.15 -1.09
CA TYR C 491 -4.23 -0.71 -1.29
C TYR C 491 -5.36 -0.13 -2.15
N LEU C 492 -5.89 -0.89 -3.10
CA LEU C 492 -7.06 -0.44 -3.83
C LEU C 492 -8.23 -0.30 -2.85
N VAL C 493 -8.40 -1.29 -2.00
CA VAL C 493 -9.50 -1.30 -1.06
C VAL C 493 -9.33 -0.10 -0.11
N SER C 494 -8.12 0.09 0.40
CA SER C 494 -7.78 1.19 1.29
C SER C 494 -8.15 2.54 0.68
N PHE C 495 -7.75 2.76 -0.57
CA PHE C 495 -7.96 4.04 -1.23
C PHE C 495 -9.44 4.35 -1.43
N ILE C 496 -10.31 3.36 -1.50
CA ILE C 496 -11.76 3.58 -1.48
C ILE C 496 -12.26 3.77 -0.02
N ILE C 497 -11.94 2.84 0.88
CA ILE C 497 -12.62 2.86 2.17
C ILE C 497 -12.09 3.99 3.04
N GLN C 498 -10.84 4.42 2.85
CA GLN C 498 -10.32 5.52 3.66
C GLN C 498 -11.19 6.78 3.52
N PHE C 499 -11.86 6.97 2.38
CA PHE C 499 -12.70 8.13 2.21
C PHE C 499 -14.00 7.94 2.98
N GLN C 500 -14.47 6.69 3.13
CA GLN C 500 -15.66 6.42 3.94
C GLN C 500 -15.34 6.70 5.42
N PHE C 501 -14.17 6.25 5.87
CA PHE C 501 -13.70 6.51 7.23
C PHE C 501 -13.48 8.00 7.46
N TYR C 502 -12.80 8.68 6.51
CA TYR C 502 -12.50 10.10 6.63
C TYR C 502 -13.79 10.91 6.71
N LYS C 503 -14.72 10.62 5.81
CA LYS C 503 -15.93 11.40 5.77
C LYS C 503 -16.67 11.26 7.09
N SER C 504 -16.76 10.04 7.61
CA SER C 504 -17.47 9.75 8.84
C SER C 504 -16.75 10.38 10.04
N ALA C 505 -15.42 10.27 10.13
CA ALA C 505 -14.62 10.88 11.17
C ALA C 505 -14.82 12.40 11.16
N CYS C 506 -14.77 13.00 9.98
CA CYS C 506 -14.99 14.42 9.80
C CYS C 506 -16.37 14.84 10.30
N ILE C 507 -17.42 14.11 9.96
CA ILE C 507 -18.74 14.44 10.46
C ILE C 507 -18.73 14.34 11.99
N LYS C 508 -18.19 13.25 12.55
CA LYS C 508 -18.19 13.09 14.01
C LYS C 508 -17.39 14.20 14.68
N ALA C 509 -16.40 14.78 13.97
CA ALA C 509 -15.54 15.78 14.54
C ALA C 509 -16.14 17.18 14.44
N GLY C 510 -17.29 17.32 13.77
CA GLY C 510 -17.81 18.64 13.47
C GLY C 510 -17.04 19.38 12.37
N GLN C 511 -16.32 18.66 11.51
CA GLN C 511 -15.45 19.31 10.53
C GLN C 511 -16.02 19.24 9.11
N TYR C 512 -17.16 18.58 8.92
CA TYR C 512 -17.76 18.44 7.61
C TYR C 512 -19.27 18.51 7.75
N ASP C 513 -19.86 19.43 6.99
CA ASP C 513 -21.30 19.48 6.79
C ASP C 513 -21.47 19.81 5.33
N PRO C 514 -22.16 18.94 4.55
CA PRO C 514 -22.32 19.19 3.12
C PRO C 514 -23.07 20.49 2.81
N ASP C 515 -23.87 21.01 3.76
CA ASP C 515 -24.69 22.21 3.53
C ASP C 515 -24.03 23.46 4.08
N ASN C 516 -22.74 23.37 4.41
CA ASN C 516 -22.05 24.48 5.02
C ASN C 516 -20.71 24.65 4.30
N VAL C 517 -20.61 25.79 3.62
CA VAL C 517 -19.50 26.08 2.73
C VAL C 517 -18.22 26.32 3.54
N GLU C 518 -18.38 26.52 4.84
CA GLU C 518 -17.25 26.73 5.73
C GLU C 518 -16.64 25.40 6.16
N LEU C 519 -17.34 24.28 5.95
CA LEU C 519 -16.88 22.96 6.38
C LEU C 519 -16.85 22.01 5.18
N PRO C 520 -15.98 22.25 4.17
CA PRO C 520 -15.88 21.33 3.04
C PRO C 520 -15.07 20.09 3.45
N LEU C 521 -15.36 18.96 2.82
CA LEU C 521 -14.74 17.71 3.23
C LEU C 521 -13.22 17.81 3.04
N ASP C 522 -12.82 18.54 2.01
CA ASP C 522 -11.41 18.62 1.63
C ASP C 522 -10.62 19.63 2.48
N ASN C 523 -11.21 20.27 3.50
CA ASN C 523 -10.38 21.02 4.44
C ASN C 523 -10.62 20.54 5.89
N CYS C 524 -11.06 19.30 6.05
CA CYS C 524 -11.35 18.73 7.36
C CYS C 524 -10.07 18.31 8.07
N ASP C 525 -9.91 18.78 9.32
CA ASP C 525 -8.83 18.32 10.19
C ASP C 525 -9.43 17.63 11.42
N ILE C 526 -9.18 16.34 11.59
CA ILE C 526 -9.66 15.59 12.75
C ILE C 526 -8.66 15.64 13.90
N TYR C 527 -7.55 16.39 13.75
CA TYR C 527 -6.59 16.54 14.82
C TYR C 527 -7.35 16.95 16.09
N GLY C 528 -7.05 16.26 17.20
CA GLY C 528 -7.62 16.59 18.47
C GLY C 528 -9.06 16.10 18.65
N SER C 529 -9.64 15.32 17.72
CA SER C 529 -11.04 14.90 17.89
C SER C 529 -11.14 13.56 18.62
N ALA C 530 -11.59 13.60 19.88
CA ALA C 530 -11.89 12.41 20.64
C ALA C 530 -13.05 11.63 20.03
N ALA C 531 -14.00 12.33 19.44
CA ALA C 531 -15.14 11.67 18.81
C ALA C 531 -14.71 10.77 17.65
N ALA C 532 -13.78 11.26 16.81
CA ALA C 532 -13.27 10.44 15.73
C ALA C 532 -12.45 9.30 16.31
N GLY C 533 -11.61 9.64 17.30
CA GLY C 533 -10.83 8.68 18.09
C GLY C 533 -11.64 7.47 18.55
N ALA C 534 -12.85 7.75 19.06
CA ALA C 534 -13.73 6.73 19.60
C ALA C 534 -14.18 5.76 18.52
N ALA C 535 -14.55 6.30 17.36
CA ALA C 535 -14.97 5.48 16.23
C ALA C 535 -13.82 4.55 15.83
N PHE C 536 -12.60 5.07 15.77
CA PHE C 536 -11.46 4.23 15.49
C PHE C 536 -11.30 3.14 16.54
N HIS C 537 -11.41 3.51 17.81
CA HIS C 537 -11.24 2.54 18.87
C HIS C 537 -12.26 1.41 18.71
N ASN C 538 -13.53 1.76 18.48
CA ASN C 538 -14.58 0.77 18.35
C ASN C 538 -14.23 -0.23 17.25
N MET C 539 -13.62 0.24 16.15
CA MET C 539 -13.42 -0.62 15.00
C MET C 539 -12.12 -1.39 15.15
N LEU C 540 -11.03 -0.67 15.45
CA LEU C 540 -9.71 -1.29 15.44
C LEU C 540 -9.58 -2.32 16.55
N SER C 541 -10.31 -2.12 17.67
CA SER C 541 -10.12 -2.99 18.81
C SER C 541 -10.65 -4.39 18.48
N MET C 542 -11.51 -4.49 17.45
CA MET C 542 -12.12 -5.74 17.01
C MET C 542 -11.14 -6.67 16.31
N GLY C 543 -10.04 -6.15 15.79
CA GLY C 543 -9.16 -6.98 14.99
C GLY C 543 -9.97 -7.69 13.88
N ALA C 544 -9.73 -8.99 13.74
CA ALA C 544 -10.40 -9.80 12.75
C ALA C 544 -11.43 -10.71 13.41
N SER C 545 -11.93 -10.29 14.58
CA SER C 545 -12.79 -11.11 15.42
C SER C 545 -14.17 -11.31 14.77
N LYS C 546 -14.57 -10.35 13.94
CA LYS C 546 -15.76 -10.42 13.13
C LYS C 546 -15.50 -10.11 11.66
N PRO C 547 -16.37 -10.59 10.75
CA PRO C 547 -16.28 -10.18 9.36
C PRO C 547 -16.24 -8.65 9.21
N TRP C 548 -15.54 -8.16 8.17
CA TRP C 548 -15.25 -6.75 8.02
C TRP C 548 -16.48 -5.86 7.95
N PRO C 549 -17.67 -6.27 7.44
CA PRO C 549 -18.82 -5.40 7.49
C PRO C 549 -19.19 -5.00 8.92
N ASP C 550 -18.95 -5.91 9.87
CA ASP C 550 -19.25 -5.65 11.27
C ASP C 550 -18.25 -4.64 11.83
N ALA C 551 -17.02 -4.65 11.31
CA ALA C 551 -16.01 -3.69 11.77
C ALA C 551 -16.35 -2.30 11.25
N LEU C 552 -16.73 -2.20 9.96
CA LEU C 552 -17.14 -0.92 9.42
C LEU C 552 -18.37 -0.42 10.18
N GLU C 553 -19.31 -1.31 10.49
CA GLU C 553 -20.53 -0.91 11.17
C GLU C 553 -20.24 -0.32 12.56
N ALA C 554 -19.26 -0.87 13.26
CA ALA C 554 -18.80 -0.34 14.53
C ALA C 554 -18.22 1.06 14.38
N PHE C 555 -17.69 1.39 13.20
CA PHE C 555 -17.14 2.69 12.98
C PHE C 555 -18.22 3.73 12.71
N ASN C 556 -19.15 3.45 11.78
CA ASN C 556 -20.04 4.49 11.30
C ASN C 556 -21.43 3.93 11.02
N GLY C 557 -21.76 2.70 11.43
CA GLY C 557 -23.10 2.18 11.17
C GLY C 557 -23.28 1.59 9.76
N GLU C 558 -22.31 1.68 8.85
CA GLU C 558 -22.50 1.13 7.51
C GLU C 558 -21.91 -0.28 7.42
N ARG C 559 -22.30 -1.03 6.37
CA ARG C 559 -21.84 -2.40 6.17
C ARG C 559 -21.30 -2.64 4.75
N ILE C 560 -21.28 -1.60 3.92
CA ILE C 560 -21.02 -1.78 2.48
C ILE C 560 -19.81 -0.96 2.09
N MET C 561 -18.87 -1.56 1.36
CA MET C 561 -17.80 -0.79 0.72
C MET C 561 -18.36 0.01 -0.46
N SER C 562 -18.07 1.31 -0.49
CA SER C 562 -18.76 2.19 -1.40
C SER C 562 -17.82 3.26 -1.95
N GLY C 563 -18.00 3.55 -3.23
CA GLY C 563 -17.29 4.67 -3.85
C GLY C 563 -17.97 6.03 -3.63
N LYS C 564 -19.07 6.09 -2.89
CA LYS C 564 -19.77 7.37 -2.75
C LYS C 564 -18.85 8.41 -2.12
N ALA C 565 -18.14 8.04 -1.06
CA ALA C 565 -17.41 9.03 -0.29
C ALA C 565 -16.24 9.63 -1.09
N ILE C 566 -15.49 8.80 -1.81
CA ILE C 566 -14.39 9.35 -2.60
C ILE C 566 -14.93 10.25 -3.73
N ALA C 567 -16.06 9.89 -4.32
CA ALA C 567 -16.65 10.76 -5.34
C ALA C 567 -17.09 12.10 -4.74
N GLU C 568 -17.71 12.05 -3.54
CA GLU C 568 -18.15 13.24 -2.82
C GLU C 568 -16.95 14.14 -2.55
N TYR C 569 -15.83 13.59 -2.10
CA TYR C 569 -14.65 14.42 -1.87
C TYR C 569 -14.24 15.20 -3.13
N PHE C 570 -14.18 14.50 -4.29
CA PHE C 570 -13.57 15.06 -5.49
C PHE C 570 -14.60 15.75 -6.40
N GLU C 571 -15.88 15.70 -6.05
CA GLU C 571 -16.95 16.30 -6.84
C GLU C 571 -16.63 17.73 -7.31
N PRO C 572 -16.17 18.70 -6.48
CA PRO C 572 -15.86 20.01 -7.01
C PRO C 572 -14.75 20.01 -8.07
N LEU C 573 -13.80 19.09 -7.92
CA LEU C 573 -12.76 18.92 -8.93
C LEU C 573 -13.39 18.38 -10.21
N ARG C 574 -14.24 17.37 -10.12
CA ARG C 574 -14.82 16.77 -11.30
C ARG C 574 -15.53 17.84 -12.14
N VAL C 575 -16.37 18.66 -11.50
CA VAL C 575 -17.08 19.73 -12.18
C VAL C 575 -16.11 20.68 -12.85
N TRP C 576 -15.14 21.18 -12.09
CA TRP C 576 -14.18 22.11 -12.65
C TRP C 576 -13.43 21.49 -13.82
N LEU C 577 -12.95 20.24 -13.63
CA LEU C 577 -12.02 19.66 -14.60
C LEU C 577 -12.73 19.32 -15.91
N GLU C 578 -13.93 18.73 -15.84
CA GLU C 578 -14.72 18.46 -17.01
C GLU C 578 -14.86 19.72 -17.84
N ALA C 579 -15.14 20.87 -17.21
CA ALA C 579 -15.31 22.16 -17.86
C ALA C 579 -13.98 22.63 -18.44
N GLU C 580 -12.89 22.46 -17.66
CA GLU C 580 -11.60 22.94 -18.15
C GLU C 580 -11.09 22.18 -19.37
N ASN C 581 -11.30 20.87 -19.38
CA ASN C 581 -10.95 20.04 -20.50
C ASN C 581 -11.77 20.44 -21.76
N ILE C 582 -13.08 20.69 -21.63
CA ILE C 582 -13.89 21.15 -22.74
C ILE C 582 -13.39 22.51 -23.23
N LYS C 583 -13.15 23.43 -22.31
CA LYS C 583 -12.71 24.77 -22.64
C LYS C 583 -11.41 24.74 -23.46
N ASN C 584 -10.56 23.74 -23.20
CA ASN C 584 -9.22 23.69 -23.79
C ASN C 584 -9.16 22.61 -24.86
N ASN C 585 -10.33 22.02 -25.17
CA ASN C 585 -10.44 21.02 -26.23
C ASN C 585 -9.46 19.87 -26.01
N VAL C 586 -9.40 19.38 -24.76
CA VAL C 586 -8.40 18.40 -24.39
C VAL C 586 -8.84 17.03 -24.89
N HIS C 587 -7.93 16.32 -25.54
CA HIS C 587 -8.20 14.96 -25.99
C HIS C 587 -8.21 14.02 -24.78
N ILE C 588 -9.23 13.15 -24.74
CA ILE C 588 -9.42 12.19 -23.68
C ILE C 588 -9.28 10.81 -24.28
N GLY C 589 -8.59 9.90 -23.58
CA GLY C 589 -8.42 8.53 -24.05
C GLY C 589 -7.09 8.38 -24.82
N TRP C 590 -6.75 7.15 -25.20
CA TRP C 590 -5.45 6.88 -25.77
C TRP C 590 -5.52 5.68 -26.71
N THR C 591 -4.67 5.73 -27.73
CA THR C 591 -4.43 4.60 -28.61
C THR C 591 -3.63 3.53 -27.85
N THR C 592 -3.64 2.31 -28.39
CA THR C 592 -2.90 1.19 -27.82
C THR C 592 -1.41 1.48 -27.96
N SER C 593 -0.67 1.25 -26.87
CA SER C 593 0.77 1.44 -26.83
C SER C 593 1.47 0.57 -27.89
N ASN C 594 2.55 1.07 -28.49
CA ASN C 594 3.45 0.19 -29.25
C ASN C 594 4.77 -0.06 -28.51
N LYS C 595 4.81 0.15 -27.18
CA LYS C 595 6.08 0.04 -26.49
C LYS C 595 6.37 -1.37 -25.96
N CYS C 596 5.53 -2.39 -26.24
CA CYS C 596 5.87 -3.76 -25.84
C CYS C 596 5.68 -4.66 -27.04
N VAL C 597 6.80 -5.15 -27.58
CA VAL C 597 6.86 -5.93 -28.81
C VAL C 597 6.80 -7.42 -28.49
N SER C 598 5.93 -8.19 -29.16
CA SER C 598 5.87 -9.64 -28.99
C SER C 598 6.73 -10.33 -30.05
#